data_4W1Q
#
_entry.id   4W1Q
#
_cell.length_a   49.425
_cell.length_b   101.639
_cell.length_c   223.689
_cell.angle_alpha   90.00
_cell.angle_beta   90.00
_cell.angle_gamma   90.00
#
_symmetry.space_group_name_H-M   'C 2 2 21'
#
loop_
_entity.id
_entity.type
_entity.pdbx_description
1 polymer E3
2 non-polymer 'DIETHYL HYDROGEN PHOSPHATE'
3 water water
#
_entity_poly.entity_id   1
_entity_poly.type   'polypeptide(L)'
_entity_poly.pdbx_seq_one_letter_code
;MNFNVSLMEKLKWKIKCIENKFLNYRLTTNETVVAETEYGKVKGVKRLTVYDDSYYSFEGIPYAQPPVGELRFKAPQRPT
PWDGVRDCCNHKDKSVQVDFITGKVCGSEDCLYLSVYTNNLNPETKRPVLVYIHGGGFIIGENHRDMYGPDYFIKKDVVL
INIQYRLGALGFLSLNSEDLNVPGNAGLKDQVMALRWIKNNCANFGGNPDNITVFGESAGAASTHYMMLTEQTRGLFHRG
ILMSGNAICPWANTQCQHRAFTLAKLAGYKGEDNDKDVLEFLMKAKPQDLIKLEEKVLTLEERTNKVMFPFGPTVEPYQT
ADCVLPKHPREMVKTAWGNSIPTMMGNTSYEGLFFTSILKQMPLLVKELETCVNFVPSELADAERTAPETLEMGAKIKKA
HVTGETPTADNFMDLCSHFYFWFPMHRLLQLRFNHTSGTPVYLYRFDFDSEDLINPYRIMRSGRGVKGVSHTDELTYFFW
NQLAKRMPKESREYKTIERMTGIWTQFATTGNPYSNEIEGMENVSWDPIEKSDEVYKCLNISDELKMIDVPEMGKIKQWE
SMFEKHRDLF
;
_entity_poly.pdbx_strand_id   A
#
loop_
_chem_comp.id
_chem_comp.type
_chem_comp.name
_chem_comp.formula
DPF non-polymer 'DIETHYL HYDROGEN PHOSPHATE' 'C4 H11 O4 P'
#
# COMPACT_ATOMS: atom_id res chain seq x y z
N VAL A 5 -16.00 -5.23 14.72
CA VAL A 5 -15.01 -5.99 15.47
C VAL A 5 -15.50 -6.26 16.89
N SER A 6 -15.37 -7.51 17.34
CA SER A 6 -15.97 -7.95 18.60
C SER A 6 -15.42 -7.22 19.81
N LEU A 7 -16.31 -7.05 20.80
CA LEU A 7 -15.98 -6.49 22.11
C LEU A 7 -14.71 -7.11 22.73
N MET A 8 -14.54 -8.41 22.61
CA MET A 8 -13.38 -9.08 23.20
C MET A 8 -12.08 -8.59 22.54
N GLU A 9 -12.11 -8.42 21.23
CA GLU A 9 -10.94 -7.93 20.50
C GLU A 9 -10.73 -6.44 20.78
N LYS A 10 -11.83 -5.72 21.01
CA LYS A 10 -11.77 -4.33 21.42
C LYS A 10 -10.98 -4.18 22.72
N LEU A 11 -11.37 -4.90 23.78
CA LEU A 11 -10.70 -4.86 25.08
CA LEU A 11 -10.68 -4.77 25.04
C LEU A 11 -9.28 -5.40 24.98
N LYS A 12 -9.12 -6.47 24.20
CA LYS A 12 -7.80 -7.06 24.00
C LYS A 12 -6.85 -6.04 23.38
N TRP A 13 -7.35 -5.30 22.39
CA TRP A 13 -6.59 -4.22 21.75
C TRP A 13 -6.27 -3.09 22.73
N LYS A 14 -7.26 -2.67 23.51
CA LYS A 14 -7.08 -1.64 24.54
C LYS A 14 -5.94 -1.96 25.49
N ILE A 15 -5.85 -3.24 25.87
CA ILE A 15 -4.82 -3.71 26.78
C ILE A 15 -3.43 -3.73 26.11
N LYS A 16 -3.36 -4.22 24.87
CA LYS A 16 -2.12 -4.12 24.09
C LYS A 16 -1.71 -2.68 23.84
N CYS A 17 -2.68 -1.77 23.76
CA CYS A 17 -2.39 -0.37 23.54
C CYS A 17 -1.72 0.21 24.75
N ILE A 18 -2.17 -0.23 25.92
CA ILE A 18 -1.63 0.18 27.20
C ILE A 18 -0.24 -0.42 27.39
N GLU A 19 -0.12 -1.69 27.03
CA GLU A 19 1.16 -2.39 27.05
C GLU A 19 2.20 -1.70 26.17
N ASN A 20 1.83 -1.37 24.94
CA ASN A 20 2.77 -0.77 23.99
C ASN A 20 3.29 0.62 24.40
N LYS A 21 2.46 1.42 25.07
CA LYS A 21 2.89 2.74 25.54
C LYS A 21 3.99 2.61 26.60
N PHE A 22 3.81 1.66 27.51
CA PHE A 22 4.79 1.40 28.55
C PHE A 22 6.08 0.78 27.96
N LEU A 23 5.93 -0.15 27.03
CA LEU A 23 7.08 -0.72 26.34
C LEU A 23 7.88 0.37 25.61
N ASN A 24 7.19 1.27 24.89
CA ASN A 24 7.84 2.36 24.18
C ASN A 24 8.66 3.25 25.13
N TYR A 25 8.10 3.52 26.31
CA TYR A 25 8.80 4.32 27.32
C TYR A 25 10.09 3.60 27.75
N ARG A 26 9.95 2.31 28.07
CA ARG A 26 11.06 1.51 28.58
C ARG A 26 12.17 1.37 27.56
N LEU A 27 11.79 1.37 26.28
CA LEU A 27 12.71 1.11 25.18
C LEU A 27 13.35 2.39 24.65
N THR A 28 13.04 3.51 25.32
CA THR A 28 13.59 4.82 24.97
C THR A 28 14.87 5.05 25.75
N THR A 29 15.81 5.82 25.19
CA THR A 29 17.04 6.15 25.89
C THR A 29 17.18 7.65 26.07
N ASN A 30 18.21 8.07 26.79
CA ASN A 30 18.49 9.47 27.03
C ASN A 30 19.43 10.00 25.97
N GLU A 31 19.87 9.13 25.06
CA GLU A 31 20.79 9.57 24.03
C GLU A 31 20.01 10.21 22.89
N THR A 32 19.98 11.55 22.91
CA THR A 32 19.41 12.35 21.85
C THR A 32 20.51 12.84 20.91
N VAL A 33 20.12 13.09 19.67
CA VAL A 33 21.08 13.45 18.65
C VAL A 33 20.44 14.49 17.76
N VAL A 34 21.25 15.36 17.19
CA VAL A 34 20.73 16.39 16.31
C VAL A 34 21.26 16.20 14.90
N ALA A 35 20.33 16.17 13.94
CA ALA A 35 20.70 16.10 12.54
C ALA A 35 20.28 17.35 11.78
N GLU A 36 21.03 17.66 10.72
CA GLU A 36 20.70 18.73 9.79
C GLU A 36 19.64 18.30 8.79
N THR A 37 18.70 19.19 8.50
CA THR A 37 17.84 19.01 7.33
C THR A 37 17.85 20.31 6.56
N GLU A 38 17.36 20.32 5.33
CA GLU A 38 17.36 21.55 4.57
C GLU A 38 16.35 22.57 5.14
N TYR A 39 15.53 22.12 6.08
CA TYR A 39 14.55 23.00 6.72
C TYR A 39 15.00 23.46 8.10
N GLY A 40 16.15 22.97 8.55
CA GLY A 40 16.60 23.24 9.90
C GLY A 40 16.90 21.96 10.68
N LYS A 41 17.38 22.14 11.90
CA LYS A 41 17.86 21.04 12.73
C LYS A 41 16.73 20.25 13.36
N VAL A 42 16.93 18.94 13.46
CA VAL A 42 15.94 18.09 14.09
C VAL A 42 16.60 17.23 15.15
N LYS A 43 15.91 17.09 16.28
CA LYS A 43 16.43 16.29 17.39
C LYS A 43 15.79 14.91 17.40
N GLY A 44 16.60 13.88 17.25
CA GLY A 44 16.12 12.52 17.35
C GLY A 44 16.51 11.86 18.65
N VAL A 45 16.01 10.65 18.86
CA VAL A 45 16.38 9.88 20.03
C VAL A 45 16.79 8.46 19.61
N LYS A 46 17.68 7.87 20.38
CA LYS A 46 18.02 6.47 20.24
C LYS A 46 17.00 5.59 20.97
N ARG A 47 16.61 4.47 20.37
CA ARG A 47 15.67 3.55 21.02
C ARG A 47 16.19 2.12 21.01
N LEU A 48 15.59 1.27 21.84
CA LEU A 48 15.96 -0.13 21.89
C LEU A 48 14.93 -1.01 21.17
N THR A 49 15.30 -2.25 20.87
CA THR A 49 14.36 -3.23 20.32
C THR A 49 14.36 -4.41 21.27
N VAL A 50 13.42 -5.32 21.11
CA VAL A 50 13.35 -6.45 22.04
C VAL A 50 14.42 -7.50 21.73
N TYR A 51 15.08 -7.36 20.59
CA TYR A 51 16.22 -8.20 20.29
C TYR A 51 17.55 -7.58 20.72
N ASP A 52 17.48 -6.60 21.62
CA ASP A 52 18.68 -5.94 22.18
C ASP A 52 19.56 -5.25 21.11
N ASP A 53 18.94 -4.71 20.07
CA ASP A 53 19.67 -3.85 19.14
C ASP A 53 19.23 -2.42 19.44
N SER A 54 19.82 -1.44 18.78
CA SER A 54 19.33 -0.07 19.00
C SER A 54 19.38 0.73 17.71
N TYR A 55 18.60 1.80 17.66
CA TYR A 55 18.53 2.59 16.44
C TYR A 55 18.23 4.08 16.71
N TYR A 56 18.72 4.95 15.83
CA TYR A 56 18.35 6.37 15.93
C TYR A 56 17.00 6.61 15.25
N SER A 57 16.15 7.33 15.96
CA SER A 57 14.75 7.52 15.61
C SER A 57 14.42 9.02 15.47
N PHE A 58 14.01 9.42 14.28
CA PHE A 58 13.52 10.78 14.02
C PHE A 58 12.08 10.73 13.56
N GLU A 59 11.14 11.08 14.44
CA GLU A 59 9.73 11.01 14.10
C GLU A 59 9.08 12.39 14.04
N GLY A 60 8.04 12.52 13.25
CA GLY A 60 7.35 13.80 13.15
C GLY A 60 8.10 14.83 12.35
N ILE A 61 8.89 14.39 11.36
CA ILE A 61 9.50 15.34 10.43
C ILE A 61 8.49 15.78 9.35
N PRO A 62 8.20 17.09 9.27
CA PRO A 62 7.21 17.63 8.31
C PRO A 62 7.76 17.78 6.91
N TYR A 63 7.06 17.25 5.92
CA TYR A 63 7.55 17.41 4.56
C TYR A 63 6.63 18.34 3.80
N ALA A 64 5.54 18.75 4.45
CA ALA A 64 4.56 19.64 3.86
C ALA A 64 3.97 20.59 4.90
N GLN A 65 3.38 21.69 4.42
CA GLN A 65 2.52 22.56 5.22
C GLN A 65 1.34 21.76 5.74
N PRO A 66 0.94 21.97 7.00
CA PRO A 66 -0.29 21.33 7.47
C PRO A 66 -1.47 21.69 6.58
N PRO A 67 -2.13 20.68 5.99
CA PRO A 67 -3.17 20.91 4.97
C PRO A 67 -4.55 21.22 5.57
N VAL A 68 -4.62 22.22 6.44
CA VAL A 68 -5.86 22.63 7.11
C VAL A 68 -6.48 23.90 6.51
N GLY A 69 -7.73 24.18 6.84
CA GLY A 69 -8.36 25.41 6.38
C GLY A 69 -8.42 25.50 4.87
N GLU A 70 -7.88 26.59 4.31
CA GLU A 70 -7.92 26.81 2.88
C GLU A 70 -7.05 25.82 2.09
N LEU A 71 -6.16 25.09 2.78
CA LEU A 71 -5.34 24.07 2.12
C LEU A 71 -6.00 22.71 2.02
N ARG A 72 -7.13 22.56 2.69
CA ARG A 72 -7.87 21.31 2.66
C ARG A 72 -8.28 21.00 1.22
N PHE A 73 -8.05 19.73 0.83
CA PHE A 73 -8.38 19.17 -0.49
C PHE A 73 -7.39 19.56 -1.58
N LYS A 74 -6.45 20.45 -1.24
CA LYS A 74 -5.55 21.01 -2.23
C LYS A 74 -4.19 20.33 -2.22
N ALA A 75 -3.43 20.55 -3.28
CA ALA A 75 -2.06 20.02 -3.36
C ALA A 75 -1.21 20.51 -2.17
N PRO A 76 -0.29 19.65 -1.71
CA PRO A 76 0.55 20.07 -0.59
C PRO A 76 1.49 21.21 -0.97
N GLN A 77 1.88 22.00 0.02
CA GLN A 77 2.86 23.06 -0.14
C GLN A 77 4.09 22.75 0.71
N ARG A 78 5.25 23.22 0.26
CA ARG A 78 6.50 23.02 0.99
C ARG A 78 6.39 23.66 2.37
N PRO A 79 6.99 23.02 3.39
CA PRO A 79 6.87 23.55 4.74
C PRO A 79 7.68 24.81 4.98
N THR A 80 7.32 25.52 6.04
CA THR A 80 8.08 26.68 6.50
C THR A 80 9.33 26.24 7.28
N PRO A 81 10.50 26.80 6.93
CA PRO A 81 11.76 26.51 7.63
C PRO A 81 11.80 27.13 9.02
N TRP A 82 12.59 26.55 9.92
CA TRP A 82 12.72 27.05 11.29
C TRP A 82 14.20 27.18 11.62
N ASP A 83 14.55 28.10 12.52
CA ASP A 83 15.94 28.15 12.97
C ASP A 83 16.03 27.91 14.46
N GLY A 84 16.39 26.70 14.81
CA GLY A 84 16.41 26.24 16.19
C GLY A 84 16.43 24.74 16.04
N VAL A 85 16.01 24.02 17.07
CA VAL A 85 15.95 22.55 17.01
C VAL A 85 14.53 22.05 17.12
N ARG A 86 14.03 21.40 16.07
CA ARG A 86 12.70 20.79 16.14
C ARG A 86 12.74 19.45 16.85
N ASP A 87 11.90 19.30 17.87
CA ASP A 87 11.78 18.06 18.63
C ASP A 87 11.14 16.94 17.80
N CYS A 88 11.94 15.95 17.42
CA CYS A 88 11.45 14.83 16.63
C CYS A 88 11.60 13.53 17.37
N CYS A 89 11.28 13.60 18.67
CA CYS A 89 11.44 12.46 19.56
C CYS A 89 10.12 11.77 19.81
N ASN A 90 9.05 12.30 19.21
CA ASN A 90 7.73 11.71 19.33
C ASN A 90 6.99 11.66 17.99
N HIS A 91 6.08 10.71 17.87
CA HIS A 91 5.28 10.56 16.66
C HIS A 91 4.16 11.62 16.59
N LYS A 92 3.86 12.08 15.37
CA LYS A 92 2.71 12.95 15.15
C LYS A 92 1.45 12.10 14.97
N ASP A 93 0.30 12.72 14.72
CA ASP A 93 -0.92 11.93 14.57
C ASP A 93 -1.09 11.43 13.14
N LYS A 94 -1.93 10.42 12.98
CA LYS A 94 -2.21 9.83 11.68
C LYS A 94 -3.29 10.64 10.95
N SER A 95 -3.38 10.47 9.64
CA SER A 95 -4.48 11.04 8.87
C SER A 95 -5.83 10.66 9.46
N VAL A 96 -6.76 11.60 9.49
CA VAL A 96 -8.12 11.34 9.92
C VAL A 96 -8.68 10.14 9.20
N GLN A 97 -9.23 9.20 9.97
CA GLN A 97 -9.64 7.91 9.42
C GLN A 97 -10.51 7.22 10.45
N VAL A 98 -11.22 6.18 10.04
CA VAL A 98 -11.95 5.33 10.99
C VAL A 98 -11.06 4.23 11.59
N ASP A 99 -11.00 4.14 12.91
CA ASP A 99 -10.29 3.05 13.59
C ASP A 99 -11.04 1.74 13.38
N PHE A 100 -10.33 0.73 12.89
CA PHE A 100 -10.95 -0.54 12.50
C PHE A 100 -11.26 -1.44 13.71
N ILE A 101 -10.59 -1.20 14.83
CA ILE A 101 -10.89 -1.95 16.06
C ILE A 101 -12.08 -1.33 16.76
N THR A 102 -12.00 -0.02 17.01
CA THR A 102 -13.00 0.71 17.78
C THR A 102 -14.23 1.14 16.97
N GLY A 103 -14.01 1.59 15.74
CA GLY A 103 -15.07 2.14 14.92
C GLY A 103 -15.25 3.63 15.10
N LYS A 104 -14.42 4.24 15.94
CA LYS A 104 -14.50 5.69 16.12
C LYS A 104 -13.48 6.38 15.23
N VAL A 105 -13.77 7.63 14.86
CA VAL A 105 -12.86 8.40 14.03
C VAL A 105 -11.66 8.86 14.86
N CYS A 106 -10.47 8.80 14.30
CA CYS A 106 -9.28 9.27 15.00
C CYS A 106 -8.35 9.96 14.01
N GLY A 107 -7.28 10.55 14.51
CA GLY A 107 -6.30 11.24 13.67
C GLY A 107 -6.50 12.73 13.60
N SER A 108 -5.78 13.38 12.69
CA SER A 108 -5.84 14.83 12.57
C SER A 108 -5.55 15.25 11.15
N GLU A 109 -5.99 16.44 10.78
CA GLU A 109 -5.66 16.93 9.47
C GLU A 109 -4.18 17.29 9.39
N ASP A 110 -3.54 17.44 10.55
CA ASP A 110 -2.10 17.70 10.62
C ASP A 110 -1.36 16.36 10.67
N CYS A 111 -1.09 15.79 9.49
CA CYS A 111 -0.63 14.41 9.40
C CYS A 111 0.49 14.18 8.41
N LEU A 112 0.98 15.26 7.79
CA LEU A 112 1.90 15.10 6.69
C LEU A 112 3.35 15.01 7.19
N TYR A 113 3.67 13.90 7.84
CA TYR A 113 4.99 13.73 8.42
C TYR A 113 5.67 12.45 7.92
N LEU A 114 6.97 12.33 8.13
CA LEU A 114 7.68 11.10 7.82
C LEU A 114 8.67 10.77 8.94
N SER A 115 9.10 9.52 9.00
CA SER A 115 10.02 9.11 10.04
C SER A 115 11.27 8.52 9.41
N VAL A 116 12.39 8.69 10.11
CA VAL A 116 13.69 8.27 9.61
C VAL A 116 14.35 7.43 10.69
N TYR A 117 14.74 6.20 10.33
CA TYR A 117 15.40 5.30 11.28
C TYR A 117 16.70 4.74 10.73
N THR A 118 17.69 4.51 11.60
CA THR A 118 18.99 3.97 11.18
C THR A 118 19.83 3.52 12.40
N ASN A 119 20.55 2.42 12.26
CA ASN A 119 21.35 1.94 13.40
C ASN A 119 22.62 2.76 13.63
N ASN A 120 22.96 3.62 12.68
CA ASN A 120 24.23 4.35 12.70
C ASN A 120 24.11 5.68 11.95
N LEU A 121 24.20 6.76 12.70
CA LEU A 121 24.05 8.09 12.12
C LEU A 121 25.24 8.55 11.31
N ASN A 122 26.40 7.97 11.62
CA ASN A 122 27.63 8.36 10.95
C ASN A 122 28.34 7.17 10.32
N PRO A 123 27.71 6.57 9.29
CA PRO A 123 28.29 5.39 8.66
C PRO A 123 29.54 5.74 7.87
N GLU A 124 30.39 4.75 7.62
CA GLU A 124 31.65 4.99 6.93
C GLU A 124 31.43 5.00 5.40
N THR A 125 30.37 4.34 4.94
CA THR A 125 29.88 4.52 3.57
C THR A 125 28.39 4.87 3.58
N LYS A 126 27.95 5.69 2.63
CA LYS A 126 26.53 6.06 2.51
C LYS A 126 25.69 4.85 2.21
N ARG A 127 24.54 4.75 2.86
CA ARG A 127 23.76 3.51 2.91
C ARG A 127 22.56 3.50 1.96
N PRO A 128 22.05 2.29 1.63
CA PRO A 128 20.79 2.19 0.86
C PRO A 128 19.64 2.85 1.60
N VAL A 129 18.81 3.58 0.88
CA VAL A 129 17.66 4.26 1.49
C VAL A 129 16.36 3.58 1.10
N LEU A 130 15.66 3.04 2.11
CA LEU A 130 14.42 2.33 1.91
C LEU A 130 13.27 3.21 2.38
N VAL A 131 12.27 3.41 1.50
CA VAL A 131 11.07 4.22 1.77
C VAL A 131 9.76 3.41 1.75
N TYR A 132 9.15 3.24 2.91
CA TYR A 132 7.94 2.44 2.96
C TYR A 132 6.68 3.29 2.89
N ILE A 133 5.83 2.96 1.92
CA ILE A 133 4.50 3.59 1.80
C ILE A 133 3.42 2.60 2.28
N HIS A 134 2.73 2.94 3.37
CA HIS A 134 1.76 2.00 3.95
C HIS A 134 0.51 1.82 3.07
N GLY A 135 -0.14 0.67 3.21
CA GLY A 135 -1.39 0.43 2.51
C GLY A 135 -2.55 0.75 3.42
N GLY A 136 -3.73 0.22 3.10
CA GLY A 136 -4.94 0.54 3.84
C GLY A 136 -6.01 1.16 2.94
N GLY A 137 -6.05 0.68 1.69
CA GLY A 137 -7.07 1.08 0.73
C GLY A 137 -7.18 2.58 0.47
N PHE A 138 -6.14 3.33 0.85
CA PHE A 138 -6.12 4.80 0.75
C PHE A 138 -7.09 5.45 1.73
N ILE A 139 -7.57 4.69 2.70
CA ILE A 139 -8.53 5.22 3.66
C ILE A 139 -8.11 5.03 5.13
N ILE A 140 -7.16 4.13 5.39
CA ILE A 140 -6.60 3.99 6.74
C ILE A 140 -5.08 3.81 6.67
N GLY A 141 -4.43 3.90 7.83
CA GLY A 141 -3.00 3.63 7.91
C GLY A 141 -2.20 4.75 8.57
N GLU A 142 -0.93 4.48 8.84
CA GLU A 142 -0.10 5.38 9.63
C GLU A 142 1.38 4.98 9.53
N ASN A 143 2.29 5.86 9.96
CA ASN A 143 3.70 5.46 10.09
C ASN A 143 4.12 5.29 11.54
N HIS A 144 3.15 5.11 12.43
CA HIS A 144 3.45 4.88 13.84
C HIS A 144 4.09 3.52 14.05
N ARG A 145 4.99 3.44 15.02
CA ARG A 145 5.79 2.25 15.24
C ARG A 145 5.02 1.12 15.91
N ASP A 146 3.84 1.41 16.45
CA ASP A 146 3.02 0.36 17.05
C ASP A 146 2.42 -0.53 15.94
N MET A 147 2.53 -0.06 14.69
CA MET A 147 2.14 -0.79 13.50
C MET A 147 3.33 -1.04 12.57
N TYR A 148 4.16 -0.02 12.35
CA TYR A 148 5.30 -0.19 11.45
C TYR A 148 6.66 0.11 12.11
N GLY A 149 7.04 -0.71 13.08
CA GLY A 149 8.31 -0.55 13.77
C GLY A 149 9.48 -1.05 12.94
N PRO A 150 10.55 -0.22 12.85
CA PRO A 150 11.76 -0.47 12.07
C PRO A 150 12.73 -1.45 12.72
N ASP A 151 12.28 -2.14 13.77
CA ASP A 151 13.16 -2.95 14.62
C ASP A 151 13.87 -4.07 13.89
N TYR A 152 13.17 -4.73 12.97
CA TYR A 152 13.80 -5.80 12.21
C TYR A 152 14.76 -5.19 11.20
N PHE A 153 14.32 -4.16 10.50
CA PHE A 153 15.13 -3.60 9.42
C PHE A 153 16.45 -3.03 9.92
N ILE A 154 16.48 -2.52 11.15
CA ILE A 154 17.65 -1.78 11.63
C ILE A 154 18.80 -2.73 12.03
N LYS A 155 18.55 -4.03 12.00
CA LYS A 155 19.60 -5.03 12.04
C LYS A 155 20.51 -4.94 10.83
N LYS A 156 19.95 -4.51 9.71
CA LYS A 156 20.71 -4.33 8.47
C LYS A 156 21.25 -2.90 8.41
N ASP A 157 22.25 -2.66 7.58
CA ASP A 157 22.85 -1.33 7.54
C ASP A 157 22.20 -0.45 6.50
N VAL A 158 20.96 -0.06 6.76
CA VAL A 158 20.20 0.76 5.82
C VAL A 158 19.61 1.96 6.52
N VAL A 159 19.06 2.88 5.73
CA VAL A 159 18.25 3.95 6.29
C VAL A 159 16.80 3.72 5.87
N LEU A 160 15.92 3.56 6.86
CA LEU A 160 14.53 3.23 6.57
C LEU A 160 13.65 4.43 6.87
N ILE A 161 12.72 4.73 5.96
CA ILE A 161 11.83 5.90 6.06
C ILE A 161 10.37 5.52 5.82
N ASN A 162 9.51 5.88 6.77
CA ASN A 162 8.07 5.58 6.72
C ASN A 162 7.26 6.84 6.67
N ILE A 163 6.49 7.01 5.61
CA ILE A 163 5.80 8.27 5.37
C ILE A 163 4.33 8.18 5.68
N GLN A 164 3.72 9.34 5.82
CA GLN A 164 2.28 9.42 5.90
C GLN A 164 1.84 10.25 4.73
N TYR A 165 0.54 10.19 4.42
CA TYR A 165 -0.04 10.94 3.32
C TYR A 165 -1.54 11.02 3.60
N ARG A 166 -2.25 11.99 3.03
CA ARG A 166 -3.66 12.19 3.37
C ARG A 166 -4.56 11.07 2.85
N LEU A 167 -5.47 10.59 3.69
CA LEU A 167 -6.35 9.48 3.32
C LEU A 167 -7.76 9.94 3.00
N GLY A 168 -8.50 9.11 2.28
CA GLY A 168 -9.93 9.31 2.10
C GLY A 168 -10.32 10.56 1.32
N ALA A 169 -11.48 11.12 1.64
CA ALA A 169 -11.98 12.32 0.94
C ALA A 169 -11.03 13.47 1.13
N LEU A 170 -10.41 13.58 2.30
CA LEU A 170 -9.46 14.65 2.56
C LEU A 170 -8.22 14.48 1.68
N GLY A 171 -7.91 13.23 1.32
CA GLY A 171 -6.80 12.98 0.41
C GLY A 171 -7.17 12.93 -1.06
N PHE A 172 -8.41 12.54 -1.39
CA PHE A 172 -8.74 12.20 -2.79
C PHE A 172 -10.08 12.72 -3.34
N LEU A 173 -10.66 13.72 -2.70
CA LEU A 173 -11.79 14.43 -3.29
C LEU A 173 -11.37 14.98 -4.66
N SER A 174 -12.30 14.99 -5.62
CA SER A 174 -12.00 15.44 -6.99
C SER A 174 -13.18 16.21 -7.60
N LEU A 175 -12.93 17.43 -8.07
CA LEU A 175 -13.99 18.28 -8.66
C LEU A 175 -13.68 18.65 -10.10
N ASN A 176 -14.73 18.68 -10.93
CA ASN A 176 -14.53 18.95 -12.36
C ASN A 176 -14.21 20.38 -12.67
N SER A 177 -14.83 21.31 -11.96
CA SER A 177 -14.65 22.73 -12.24
C SER A 177 -13.20 23.15 -12.04
N GLU A 178 -12.57 23.52 -13.15
CA GLU A 178 -11.16 23.92 -13.18
C GLU A 178 -10.84 25.15 -12.33
N ASP A 179 -11.87 25.94 -12.02
CA ASP A 179 -11.69 27.16 -11.24
C ASP A 179 -11.39 26.89 -9.75
N LEU A 180 -11.77 25.72 -9.24
CA LEU A 180 -11.71 25.45 -7.80
C LEU A 180 -10.39 24.80 -7.37
N ASN A 181 -9.62 24.31 -8.34
CA ASN A 181 -8.29 23.76 -8.10
C ASN A 181 -8.30 22.61 -7.08
N VAL A 182 -9.23 21.69 -7.29
CA VAL A 182 -9.30 20.42 -6.58
C VAL A 182 -9.39 19.31 -7.63
N PRO A 183 -8.31 19.11 -8.39
CA PRO A 183 -8.38 18.09 -9.43
C PRO A 183 -8.44 16.66 -8.84
N GLY A 184 -7.88 16.48 -7.65
CA GLY A 184 -7.85 15.16 -7.07
C GLY A 184 -6.44 14.68 -6.78
N ASN A 185 -6.33 13.51 -6.15
CA ASN A 185 -5.04 12.86 -5.90
C ASN A 185 -4.13 13.66 -4.99
N ALA A 186 -4.68 14.42 -4.05
CA ALA A 186 -3.86 15.21 -3.14
C ALA A 186 -2.97 14.28 -2.33
N GLY A 187 -3.51 13.12 -1.98
CA GLY A 187 -2.79 12.14 -1.20
C GLY A 187 -1.57 11.60 -1.95
N LEU A 188 -1.71 11.40 -3.26
CA LEU A 188 -0.56 11.00 -4.08
C LEU A 188 0.45 12.13 -4.21
N LYS A 189 -0.04 13.34 -4.33
CA LYS A 189 0.83 14.49 -4.38
C LYS A 189 1.56 14.68 -3.06
N ASP A 190 0.94 14.29 -1.95
CA ASP A 190 1.63 14.26 -0.66
C ASP A 190 2.84 13.33 -0.78
N GLN A 191 2.61 12.16 -1.36
CA GLN A 191 3.68 11.16 -1.50
C GLN A 191 4.83 11.70 -2.34
N VAL A 192 4.51 12.44 -3.40
CA VAL A 192 5.53 13.02 -4.26
C VAL A 192 6.43 13.98 -3.48
N MET A 193 5.84 14.88 -2.70
CA MET A 193 6.63 15.85 -1.95
C MET A 193 7.50 15.17 -0.90
N ALA A 194 6.98 14.13 -0.27
CA ALA A 194 7.80 13.36 0.66
C ALA A 194 9.03 12.80 -0.05
N LEU A 195 8.87 12.37 -1.30
CA LEU A 195 9.99 11.77 -2.04
C LEU A 195 11.06 12.80 -2.32
N ARG A 196 10.63 14.00 -2.69
CA ARG A 196 11.54 15.10 -2.98
C ARG A 196 12.32 15.50 -1.73
N TRP A 197 11.66 15.48 -0.57
CA TRP A 197 12.36 15.72 0.68
C TRP A 197 13.37 14.59 0.95
N ILE A 198 13.04 13.36 0.57
CA ILE A 198 13.91 12.23 0.92
C ILE A 198 15.15 12.28 0.03
N LYS A 199 14.91 12.63 -1.22
CA LYS A 199 15.96 12.83 -2.20
C LYS A 199 16.99 13.83 -1.69
N ASN A 200 16.50 14.92 -1.10
CA ASN A 200 17.33 16.07 -0.78
C ASN A 200 17.83 16.11 0.67
N ASN A 201 17.52 15.10 1.47
CA ASN A 201 17.86 15.17 2.89
C ASN A 201 18.46 13.89 3.46
N CYS A 202 18.28 12.79 2.76
CA CYS A 202 18.67 11.49 3.31
C CYS A 202 20.19 11.42 3.52
N ALA A 203 20.93 12.31 2.90
CA ALA A 203 22.38 12.29 3.04
C ALA A 203 22.76 12.69 4.46
N ASN A 204 21.93 13.51 5.10
CA ASN A 204 22.22 13.96 6.47
C ASN A 204 22.00 12.87 7.49
N PHE A 205 21.42 11.76 7.05
CA PHE A 205 21.17 10.64 7.97
C PHE A 205 22.02 9.46 7.54
N GLY A 206 22.94 9.72 6.61
CA GLY A 206 23.88 8.71 6.17
C GLY A 206 23.36 7.92 4.98
N GLY A 207 22.32 8.43 4.36
CA GLY A 207 21.71 7.76 3.22
C GLY A 207 22.31 8.20 1.92
N ASN A 208 22.37 7.27 0.98
CA ASN A 208 22.88 7.53 -0.35
C ASN A 208 21.74 7.94 -1.28
N PRO A 209 21.69 9.22 -1.67
CA PRO A 209 20.57 9.70 -2.47
C PRO A 209 20.55 9.13 -3.88
N ASP A 210 21.66 8.51 -4.30
CA ASP A 210 21.68 7.85 -5.61
C ASP A 210 21.34 6.35 -5.52
N ASN A 211 20.94 5.88 -4.32
CA ASN A 211 20.43 4.50 -4.17
C ASN A 211 19.19 4.44 -3.26
N ILE A 212 18.03 4.79 -3.83
CA ILE A 212 16.79 4.84 -3.07
C ILE A 212 15.78 3.79 -3.57
N THR A 213 15.28 2.99 -2.65
CA THR A 213 14.23 2.01 -2.94
C THR A 213 12.89 2.39 -2.30
N VAL A 214 11.87 2.61 -3.12
CA VAL A 214 10.52 2.79 -2.60
C VAL A 214 9.76 1.47 -2.65
N PHE A 215 9.07 1.11 -1.57
CA PHE A 215 8.27 -0.10 -1.58
C PHE A 215 7.01 0.04 -0.72
N GLY A 216 6.00 -0.75 -1.06
CA GLY A 216 4.73 -0.67 -0.37
C GLY A 216 3.90 -1.90 -0.56
N GLU A 217 2.87 -2.02 0.25
CA GLU A 217 2.01 -3.18 0.26
C GLU A 217 0.53 -2.75 0.08
N SER A 218 -0.21 -3.40 -0.81
CA SER A 218 -1.65 -3.12 -1.07
C SER A 218 -1.89 -1.74 -1.74
N ALA A 219 -2.62 -0.84 -1.06
CA ALA A 219 -2.70 0.56 -1.49
C ALA A 219 -1.31 1.20 -1.50
N GLY A 220 -0.41 0.69 -0.65
CA GLY A 220 0.98 1.11 -0.64
C GLY A 220 1.75 0.62 -1.86
N ALA A 221 1.34 -0.53 -2.40
CA ALA A 221 1.94 -1.06 -3.62
C ALA A 221 1.45 -0.26 -4.82
N ALA A 222 0.14 0.03 -4.84
CA ALA A 222 -0.44 0.88 -5.87
C ALA A 222 0.23 2.25 -5.85
N SER A 223 0.44 2.79 -4.65
CA SER A 223 1.11 4.09 -4.50
C SER A 223 2.53 4.03 -5.05
N THR A 224 3.23 2.93 -4.76
CA THR A 224 4.63 2.79 -5.17
C THR A 224 4.67 2.79 -6.69
N HIS A 225 3.73 2.05 -7.27
CA HIS A 225 3.61 2.02 -8.71
C HIS A 225 3.27 3.40 -9.29
N TYR A 226 2.27 4.07 -8.72
CA TYR A 226 1.98 5.47 -9.12
C TYR A 226 3.22 6.37 -9.07
N MET A 227 4.08 6.18 -8.06
CA MET A 227 5.29 6.96 -7.94
C MET A 227 6.29 6.58 -9.05
N MET A 228 6.12 5.38 -9.61
CA MET A 228 6.98 4.93 -10.72
C MET A 228 6.41 5.37 -12.08
N LEU A 229 5.16 5.78 -12.09
CA LEU A 229 4.49 6.19 -13.33
C LEU A 229 4.57 7.68 -13.63
N THR A 230 4.48 8.50 -12.60
CA THR A 230 4.27 9.92 -12.84
C THR A 230 5.56 10.56 -13.28
N GLU A 231 5.43 11.58 -14.11
CA GLU A 231 6.57 12.38 -14.53
C GLU A 231 7.06 13.23 -13.36
N GLN A 232 6.21 13.38 -12.34
CA GLN A 232 6.52 14.27 -11.22
C GLN A 232 7.75 13.84 -10.44
N THR A 233 8.09 12.56 -10.53
CA THR A 233 9.13 11.98 -9.68
C THR A 233 10.28 11.38 -10.47
N ARG A 234 10.44 11.77 -11.73
CA ARG A 234 11.40 11.12 -12.63
C ARG A 234 12.83 11.18 -12.09
N GLY A 235 13.49 10.02 -12.02
CA GLY A 235 14.82 9.92 -11.45
C GLY A 235 14.97 10.05 -9.94
N LEU A 236 13.86 10.17 -9.20
CA LEU A 236 13.94 10.42 -7.77
C LEU A 236 14.43 9.21 -6.96
N PHE A 237 14.13 8.01 -7.44
CA PHE A 237 14.54 6.77 -6.77
C PHE A 237 14.89 5.70 -7.80
N HIS A 238 15.47 4.60 -7.34
CA HIS A 238 16.22 3.72 -8.23
C HIS A 238 15.80 2.25 -8.22
N ARG A 239 14.87 1.89 -7.33
CA ARG A 239 14.37 0.52 -7.26
C ARG A 239 12.94 0.60 -6.75
N GLY A 240 12.10 -0.36 -7.12
CA GLY A 240 10.77 -0.41 -6.57
C GLY A 240 10.35 -1.81 -6.22
N ILE A 241 9.63 -1.97 -5.11
CA ILE A 241 9.05 -3.27 -4.80
C ILE A 241 7.55 -3.13 -4.61
N LEU A 242 6.84 -3.81 -5.49
CA LEU A 242 5.39 -3.82 -5.50
C LEU A 242 4.93 -5.08 -4.77
N MET A 243 4.48 -4.92 -3.53
CA MET A 243 3.98 -6.05 -2.74
C MET A 243 2.45 -6.16 -2.75
N SER A 244 1.91 -7.17 -3.44
CA SER A 244 0.45 -7.40 -3.50
C SER A 244 -0.31 -6.20 -4.02
N GLY A 245 0.15 -5.60 -5.11
CA GLY A 245 -0.63 -4.57 -5.74
C GLY A 245 0.11 -3.73 -6.76
N ASN A 246 -0.66 -2.98 -7.51
CA ASN A 246 -0.14 -2.05 -8.48
C ASN A 246 -1.27 -1.13 -8.95
N ALA A 247 -0.97 -0.20 -9.83
CA ALA A 247 -1.90 0.87 -10.13
C ALA A 247 -3.02 0.47 -11.08
N ILE A 248 -2.91 -0.70 -11.72
CA ILE A 248 -4.00 -1.12 -12.60
C ILE A 248 -4.87 -2.18 -11.94
N CYS A 249 -4.72 -2.37 -10.64
CA CYS A 249 -5.69 -3.17 -9.90
C CYS A 249 -7.03 -2.43 -9.94
N PRO A 250 -8.16 -3.16 -9.94
CA PRO A 250 -9.44 -2.48 -10.10
C PRO A 250 -9.85 -1.60 -8.91
N TRP A 251 -9.32 -1.85 -7.72
CA TRP A 251 -9.57 -1.00 -6.57
C TRP A 251 -8.68 0.25 -6.51
N ALA A 252 -7.69 0.36 -7.40
CA ALA A 252 -6.60 1.34 -7.23
C ALA A 252 -6.81 2.67 -7.96
N ASN A 253 -7.92 2.78 -8.67
CA ASN A 253 -8.33 4.08 -9.17
C ASN A 253 -9.81 4.05 -9.48
N THR A 254 -10.44 5.22 -9.38
CA THR A 254 -11.87 5.34 -9.57
C THR A 254 -12.18 6.74 -10.08
N GLN A 255 -13.28 6.88 -10.79
CA GLN A 255 -13.72 8.21 -11.22
C GLN A 255 -14.77 8.73 -10.24
N CYS A 256 -14.33 9.56 -9.30
CA CYS A 256 -15.17 9.94 -8.16
C CYS A 256 -15.69 11.37 -8.19
N GLN A 257 -15.69 12.01 -9.36
CA GLN A 257 -16.03 13.43 -9.44
C GLN A 257 -17.47 13.75 -9.03
N HIS A 258 -18.37 12.77 -9.12
CA HIS A 258 -19.77 12.99 -8.74
C HIS A 258 -20.02 12.78 -7.27
N ARG A 259 -19.11 12.05 -6.62
CA ARG A 259 -19.39 11.58 -5.27
C ARG A 259 -19.15 12.65 -4.21
N ALA A 260 -18.49 13.74 -4.58
CA ALA A 260 -18.36 14.88 -3.67
C ALA A 260 -19.75 15.36 -3.24
N PHE A 261 -20.65 15.51 -4.21
CA PHE A 261 -22.00 15.98 -3.97
C PHE A 261 -22.70 15.05 -2.99
N THR A 262 -22.60 13.76 -3.25
CA THR A 262 -23.19 12.74 -2.41
C THR A 262 -22.72 12.88 -0.97
N LEU A 263 -21.41 13.09 -0.81
CA LEU A 263 -20.86 13.21 0.52
C LEU A 263 -21.34 14.50 1.19
N ALA A 264 -21.32 15.63 0.48
CA ALA A 264 -21.86 16.85 1.04
C ALA A 264 -23.32 16.63 1.49
N LYS A 265 -24.13 16.00 0.64
CA LYS A 265 -25.53 15.76 0.94
C LYS A 265 -25.71 14.94 2.20
N LEU A 266 -24.88 13.91 2.37
CA LEU A 266 -24.88 13.09 3.56
C LEU A 266 -24.53 13.90 4.82
N ALA A 267 -23.71 14.94 4.65
CA ALA A 267 -23.22 15.72 5.78
C ALA A 267 -24.06 16.97 6.07
N GLY A 268 -25.19 17.12 5.39
CA GLY A 268 -26.13 18.18 5.72
C GLY A 268 -26.18 19.36 4.75
N TYR A 269 -25.52 19.22 3.62
CA TYR A 269 -25.55 20.25 2.61
C TYR A 269 -26.94 20.48 2.02
N LYS A 270 -27.39 21.73 2.05
CA LYS A 270 -28.66 22.10 1.44
C LYS A 270 -28.41 22.99 0.23
N GLY A 271 -28.92 22.57 -0.91
CA GLY A 271 -28.69 23.31 -2.14
C GLY A 271 -28.55 22.40 -3.36
N GLU A 272 -27.89 22.92 -4.38
CA GLU A 272 -27.83 22.28 -5.70
C GLU A 272 -26.51 21.56 -5.97
N ASP A 273 -26.50 20.70 -6.98
CA ASP A 273 -25.25 20.08 -7.42
C ASP A 273 -24.46 21.01 -8.34
N ASN A 274 -23.72 21.93 -7.74
CA ASN A 274 -22.66 22.59 -8.48
C ASN A 274 -21.40 22.62 -7.61
N ASP A 275 -20.27 22.47 -8.27
CA ASP A 275 -19.02 22.16 -7.60
C ASP A 275 -18.64 23.21 -6.56
N LYS A 276 -18.78 24.49 -6.93
CA LYS A 276 -18.39 25.58 -6.04
C LYS A 276 -19.10 25.53 -4.70
N ASP A 277 -20.43 25.42 -4.74
CA ASP A 277 -21.22 25.40 -3.52
C ASP A 277 -20.97 24.13 -2.71
N VAL A 278 -20.75 23.01 -3.41
CA VAL A 278 -20.37 21.78 -2.76
C VAL A 278 -19.02 21.94 -2.03
N LEU A 279 -18.02 22.45 -2.74
CA LEU A 279 -16.70 22.65 -2.16
C LEU A 279 -16.75 23.54 -0.92
N GLU A 280 -17.52 24.62 -0.96
CA GLU A 280 -17.58 25.54 0.18
C GLU A 280 -18.18 24.88 1.41
N PHE A 281 -19.20 24.07 1.23
CA PHE A 281 -19.70 23.29 2.34
C PHE A 281 -18.60 22.35 2.87
N LEU A 282 -17.93 21.65 1.97
CA LEU A 282 -17.01 20.59 2.40
C LEU A 282 -15.79 21.18 3.11
N MET A 283 -15.50 22.46 2.82
CA MET A 283 -14.34 23.17 3.35
C MET A 283 -14.52 23.62 4.80
N LYS A 284 -15.78 23.81 5.21
CA LYS A 284 -16.11 24.28 6.55
C LYS A 284 -16.55 23.13 7.45
N ALA A 285 -16.84 21.98 6.85
CA ALA A 285 -17.31 20.82 7.59
C ALA A 285 -16.22 20.25 8.52
N LYS A 286 -16.65 19.58 9.60
CA LYS A 286 -15.72 18.95 10.54
C LYS A 286 -15.04 17.72 9.93
N PRO A 287 -13.70 17.64 10.01
CA PRO A 287 -12.98 16.54 9.36
C PRO A 287 -13.54 15.19 9.77
N GLN A 288 -13.83 15.02 11.05
CA GLN A 288 -14.35 13.75 11.55
C GLN A 288 -15.74 13.41 10.96
N ASP A 289 -16.55 14.41 10.69
CA ASP A 289 -17.89 14.14 10.17
C ASP A 289 -17.80 13.60 8.75
N LEU A 290 -16.90 14.19 7.96
CA LEU A 290 -16.71 13.78 6.57
C LEU A 290 -16.19 12.36 6.45
N ILE A 291 -15.26 12.00 7.33
CA ILE A 291 -14.62 10.69 7.31
C ILE A 291 -15.56 9.60 7.81
N LYS A 292 -16.37 9.96 8.80
CA LYS A 292 -17.34 9.03 9.35
C LYS A 292 -18.40 8.64 8.32
N LEU A 293 -18.66 9.53 7.37
CA LEU A 293 -19.76 9.37 6.43
C LEU A 293 -19.33 8.76 5.11
N GLU A 294 -18.03 8.60 4.93
CA GLU A 294 -17.49 8.03 3.70
C GLU A 294 -17.99 6.63 3.39
N GLU A 295 -18.29 5.85 4.42
CA GLU A 295 -18.77 4.48 4.22
C GLU A 295 -20.05 4.44 3.41
N LYS A 296 -20.83 5.51 3.49
CA LYS A 296 -22.19 5.50 2.94
C LYS A 296 -22.28 6.14 1.56
N VAL A 297 -21.15 6.50 0.97
CA VAL A 297 -21.21 7.26 -0.27
C VAL A 297 -21.57 6.37 -1.47
N LEU A 298 -20.90 5.23 -1.61
CA LEU A 298 -21.14 4.31 -2.71
C LEU A 298 -22.60 3.84 -2.84
N THR A 299 -23.15 3.95 -4.05
CA THR A 299 -24.47 3.40 -4.33
C THR A 299 -24.43 1.87 -4.36
N LEU A 300 -25.59 1.24 -4.40
CA LEU A 300 -25.66 -0.22 -4.48
C LEU A 300 -25.20 -0.72 -5.86
N GLU A 301 -25.38 0.09 -6.89
CA GLU A 301 -24.89 -0.24 -8.23
C GLU A 301 -23.38 -0.34 -8.20
N GLU A 302 -22.74 0.65 -7.57
CA GLU A 302 -21.29 0.70 -7.53
C GLU A 302 -20.72 -0.49 -6.76
N ARG A 303 -21.24 -0.77 -5.57
CA ARG A 303 -20.79 -1.92 -4.76
C ARG A 303 -20.94 -3.24 -5.53
N THR A 304 -22.07 -3.39 -6.22
CA THR A 304 -22.35 -4.55 -7.05
C THR A 304 -21.28 -4.72 -8.13
N ASN A 305 -20.90 -3.63 -8.77
CA ASN A 305 -19.77 -3.62 -9.73
C ASN A 305 -18.39 -3.57 -9.07
N LYS A 306 -18.33 -3.97 -7.81
CA LYS A 306 -17.10 -4.07 -7.05
C LYS A 306 -16.29 -2.77 -6.91
N VAL A 307 -16.94 -1.60 -6.97
CA VAL A 307 -16.23 -0.39 -6.55
C VAL A 307 -16.01 -0.48 -5.03
N MET A 308 -14.75 -0.41 -4.63
CA MET A 308 -14.39 -0.72 -3.26
C MET A 308 -14.42 0.51 -2.36
N PHE A 309 -13.92 1.64 -2.88
CA PHE A 309 -13.82 2.85 -2.10
C PHE A 309 -14.39 4.05 -2.87
N PRO A 310 -15.11 4.93 -2.16
CA PRO A 310 -15.69 6.15 -2.74
C PRO A 310 -14.63 7.11 -3.32
N PHE A 311 -13.56 7.33 -2.56
CA PHE A 311 -12.58 8.30 -2.95
C PHE A 311 -11.24 7.62 -3.04
N GLY A 312 -10.49 7.92 -4.08
CA GLY A 312 -9.17 7.35 -4.29
C GLY A 312 -8.52 7.98 -5.50
N PRO A 313 -7.34 7.45 -5.91
CA PRO A 313 -6.61 7.90 -7.09
C PRO A 313 -7.51 7.98 -8.32
N THR A 314 -7.39 9.06 -9.10
CA THR A 314 -8.32 9.33 -10.20
C THR A 314 -7.60 9.97 -11.36
N VAL A 315 -8.15 9.83 -12.57
CA VAL A 315 -7.62 10.61 -13.67
C VAL A 315 -8.09 12.03 -13.45
N GLU A 316 -7.15 12.96 -13.32
CA GLU A 316 -7.55 14.33 -13.01
C GLU A 316 -8.23 14.92 -14.24
N PRO A 317 -9.26 15.75 -14.03
CA PRO A 317 -10.09 16.24 -15.14
C PRO A 317 -9.47 17.39 -15.94
N TYR A 318 -8.45 18.05 -15.39
CA TYR A 318 -7.71 19.11 -16.08
C TYR A 318 -6.28 19.08 -15.53
N GLN A 319 -5.30 19.51 -16.30
CA GLN A 319 -3.92 19.44 -15.82
C GLN A 319 -3.44 20.68 -15.08
N THR A 320 -2.90 20.47 -13.88
CA THR A 320 -2.30 21.53 -13.08
C THR A 320 -0.79 21.34 -13.01
N ALA A 321 -0.11 22.24 -12.31
CA ALA A 321 1.34 22.16 -12.16
C ALA A 321 1.75 20.90 -11.40
N ASP A 322 1.03 20.57 -10.34
CA ASP A 322 1.39 19.40 -9.52
C ASP A 322 0.66 18.12 -9.91
N CYS A 323 0.07 18.07 -11.11
CA CYS A 323 -0.74 16.93 -11.57
C CYS A 323 0.01 15.60 -11.55
N VAL A 324 -0.60 14.56 -11.01
CA VAL A 324 0.06 13.26 -10.89
C VAL A 324 -0.47 12.21 -11.89
N LEU A 325 -1.78 12.14 -12.06
CA LEU A 325 -2.40 11.19 -12.98
C LEU A 325 -3.20 11.88 -14.08
N PRO A 326 -2.54 12.26 -15.18
CA PRO A 326 -3.22 12.96 -16.28
C PRO A 326 -3.97 12.03 -17.24
N LYS A 327 -3.66 10.75 -17.21
CA LYS A 327 -4.37 9.75 -18.03
C LYS A 327 -4.63 8.50 -17.19
N HIS A 328 -5.41 7.55 -17.70
CA HIS A 328 -5.65 6.30 -16.97
C HIS A 328 -4.35 5.54 -16.81
N PRO A 329 -4.18 4.84 -15.67
CA PRO A 329 -2.94 4.15 -15.33
C PRO A 329 -2.40 3.26 -16.44
N ARG A 330 -3.28 2.59 -17.17
CA ARG A 330 -2.83 1.72 -18.25
C ARG A 330 -2.12 2.52 -19.33
N GLU A 331 -2.67 3.70 -19.63
CA GLU A 331 -2.04 4.63 -20.56
C GLU A 331 -0.73 5.17 -20.02
N MET A 332 -0.60 5.27 -18.71
CA MET A 332 0.62 5.85 -18.16
C MET A 332 1.80 4.88 -18.20
N VAL A 333 1.53 3.57 -18.15
CA VAL A 333 2.62 2.60 -18.20
C VAL A 333 3.40 2.74 -19.50
N LYS A 334 2.70 3.15 -20.56
CA LYS A 334 3.28 3.24 -21.90
C LYS A 334 4.33 4.36 -22.01
N THR A 335 4.35 5.27 -21.05
CA THR A 335 5.36 6.34 -21.03
C THR A 335 6.09 6.48 -19.68
N ALA A 336 6.14 5.42 -18.89
CA ALA A 336 6.62 5.54 -17.51
C ALA A 336 8.14 5.45 -17.38
N TRP A 337 8.75 6.43 -16.70
CA TRP A 337 10.17 6.35 -16.40
C TRP A 337 10.45 5.13 -15.53
N GLY A 338 9.54 4.84 -14.62
CA GLY A 338 9.70 3.71 -13.72
C GLY A 338 9.91 2.37 -14.39
N ASN A 339 9.40 2.20 -15.61
CA ASN A 339 9.56 0.94 -16.35
C ASN A 339 11.03 0.54 -16.49
N SER A 340 11.89 1.54 -16.40
CA SER A 340 13.32 1.35 -16.60
C SER A 340 14.15 1.46 -15.32
N ILE A 341 13.56 1.05 -14.18
CA ILE A 341 14.37 0.80 -12.98
C ILE A 341 14.11 -0.63 -12.54
N PRO A 342 15.08 -1.24 -11.84
CA PRO A 342 14.90 -2.60 -11.32
C PRO A 342 13.69 -2.75 -10.40
N THR A 343 12.86 -3.76 -10.66
CA THR A 343 11.60 -3.91 -9.97
C THR A 343 11.43 -5.32 -9.42
N MET A 344 10.89 -5.43 -8.20
CA MET A 344 10.48 -6.72 -7.66
C MET A 344 8.97 -6.68 -7.36
N MET A 345 8.24 -7.71 -7.78
CA MET A 345 6.79 -7.78 -7.51
C MET A 345 6.45 -9.10 -6.92
N GLY A 346 5.38 -9.17 -6.16
CA GLY A 346 4.95 -10.47 -5.66
C GLY A 346 3.62 -10.46 -4.94
N ASN A 347 3.16 -11.65 -4.58
CA ASN A 347 1.89 -11.82 -3.90
C ASN A 347 2.02 -12.89 -2.84
N THR A 348 1.08 -12.98 -1.90
CA THR A 348 1.06 -14.12 -1.01
C THR A 348 0.44 -15.31 -1.76
N SER A 349 0.46 -16.49 -1.15
CA SER A 349 -0.08 -17.69 -1.79
C SER A 349 -1.61 -17.89 -1.67
N TYR A 350 -2.27 -17.22 -0.72
CA TYR A 350 -3.74 -17.22 -0.68
C TYR A 350 -4.30 -15.83 -0.38
N GLU A 351 -4.02 -14.88 -1.26
CA GLU A 351 -4.41 -13.48 -1.13
C GLU A 351 -5.87 -13.26 -0.70
N GLY A 352 -6.80 -13.87 -1.44
CA GLY A 352 -8.22 -13.70 -1.21
C GLY A 352 -8.74 -14.29 0.09
N LEU A 353 -7.90 -15.02 0.82
CA LEU A 353 -8.31 -15.60 2.10
C LEU A 353 -8.61 -14.51 3.13
N PHE A 354 -8.17 -13.30 2.78
CA PHE A 354 -8.52 -12.08 3.49
C PHE A 354 -10.03 -11.88 3.65
N PHE A 355 -10.79 -12.16 2.60
CA PHE A 355 -12.21 -11.78 2.55
C PHE A 355 -13.15 -12.64 3.38
N THR A 356 -12.60 -13.53 4.19
CA THR A 356 -13.41 -14.42 5.03
C THR A 356 -14.39 -13.66 5.90
N SER A 357 -13.89 -12.61 6.53
CA SER A 357 -14.69 -11.77 7.40
C SER A 357 -15.90 -11.19 6.68
N ILE A 358 -15.65 -10.63 5.50
CA ILE A 358 -16.69 -10.01 4.70
C ILE A 358 -17.69 -11.09 4.24
N LEU A 359 -17.17 -12.28 3.93
CA LEU A 359 -18.00 -13.38 3.45
C LEU A 359 -18.97 -13.86 4.52
N LYS A 360 -18.63 -13.62 5.78
CA LYS A 360 -19.43 -14.13 6.89
C LYS A 360 -20.62 -13.22 7.19
N GLN A 361 -20.46 -11.94 6.91
CA GLN A 361 -21.57 -11.01 7.06
C GLN A 361 -22.44 -11.02 5.80
N MET A 362 -21.87 -11.46 4.69
CA MET A 362 -22.57 -11.51 3.42
C MET A 362 -22.43 -12.86 2.74
N PRO A 363 -23.18 -13.86 3.19
CA PRO A 363 -23.12 -15.20 2.59
C PRO A 363 -23.53 -15.19 1.14
N LEU A 364 -24.43 -14.26 0.80
CA LEU A 364 -25.05 -14.24 -0.52
C LEU A 364 -24.03 -14.02 -1.62
N LEU A 365 -22.93 -13.34 -1.28
CA LEU A 365 -21.85 -13.04 -2.22
C LEU A 365 -21.28 -14.27 -2.92
N VAL A 366 -21.41 -15.45 -2.31
CA VAL A 366 -20.89 -16.66 -2.91
C VAL A 366 -21.78 -17.11 -4.07
N LYS A 367 -23.02 -16.65 -4.09
CA LYS A 367 -23.94 -17.00 -5.17
C LYS A 367 -23.59 -16.25 -6.44
N GLU A 368 -22.81 -15.17 -6.30
CA GLU A 368 -22.33 -14.42 -7.45
C GLU A 368 -21.49 -15.27 -8.39
N LEU A 369 -20.91 -16.34 -7.89
CA LEU A 369 -20.06 -17.17 -8.73
C LEU A 369 -20.87 -18.07 -9.66
N GLU A 370 -22.18 -18.06 -9.47
CA GLU A 370 -23.07 -18.87 -10.30
C GLU A 370 -22.97 -18.51 -11.77
N THR A 371 -22.72 -17.24 -12.05
CA THR A 371 -22.45 -16.75 -13.41
C THR A 371 -21.15 -15.96 -13.49
N CYS A 372 -20.70 -15.44 -12.34
CA CYS A 372 -19.48 -14.65 -12.21
C CYS A 372 -19.48 -13.34 -12.99
N VAL A 373 -20.64 -12.87 -13.44
CA VAL A 373 -20.67 -11.65 -14.27
C VAL A 373 -20.16 -10.41 -13.52
N ASN A 374 -20.36 -10.37 -12.21
CA ASN A 374 -19.94 -9.20 -11.45
C ASN A 374 -18.41 -9.10 -11.35
N PHE A 375 -17.71 -10.20 -11.60
CA PHE A 375 -16.26 -10.18 -11.54
C PHE A 375 -15.58 -9.95 -12.89
N VAL A 376 -16.36 -9.90 -13.96
CA VAL A 376 -15.83 -9.50 -15.26
C VAL A 376 -15.32 -8.08 -15.15
N PRO A 377 -14.09 -7.81 -15.64
CA PRO A 377 -13.53 -6.46 -15.60
C PRO A 377 -14.52 -5.42 -16.13
N SER A 378 -14.59 -4.27 -15.45
CA SER A 378 -15.65 -3.30 -15.68
C SER A 378 -15.65 -2.86 -17.13
N GLU A 379 -14.46 -2.59 -17.66
CA GLU A 379 -14.32 -2.03 -19.01
C GLU A 379 -14.89 -2.97 -20.07
N LEU A 380 -15.00 -4.27 -19.75
CA LEU A 380 -15.56 -5.28 -20.64
C LEU A 380 -17.06 -5.55 -20.42
N ALA A 381 -17.53 -5.46 -19.18
CA ALA A 381 -18.93 -5.81 -18.87
C ALA A 381 -19.85 -4.67 -19.18
N ASP A 382 -21.13 -5.00 -19.38
CA ASP A 382 -22.12 -3.98 -19.65
C ASP A 382 -22.79 -3.60 -18.36
N ALA A 383 -23.61 -2.56 -18.41
CA ALA A 383 -24.17 -1.92 -17.22
C ALA A 383 -24.81 -2.90 -16.27
N GLU A 384 -25.84 -3.58 -16.75
CA GLU A 384 -26.65 -4.45 -15.90
C GLU A 384 -25.99 -5.82 -15.69
N ARG A 385 -24.90 -6.04 -16.44
CA ARG A 385 -24.19 -7.33 -16.47
C ARG A 385 -25.10 -8.43 -16.99
N THR A 386 -25.82 -8.15 -18.07
CA THR A 386 -26.83 -9.08 -18.55
C THR A 386 -26.65 -9.38 -20.04
N ALA A 387 -25.70 -8.71 -20.68
CA ALA A 387 -25.45 -8.93 -22.10
C ALA A 387 -24.88 -10.32 -22.31
N PRO A 388 -25.26 -10.97 -23.44
CA PRO A 388 -24.80 -12.33 -23.73
C PRO A 388 -23.27 -12.42 -23.75
N GLU A 389 -22.60 -11.35 -24.19
CA GLU A 389 -21.15 -11.31 -24.18
C GLU A 389 -20.63 -11.39 -22.74
N THR A 390 -21.30 -10.69 -21.84
CA THR A 390 -20.88 -10.62 -20.45
C THR A 390 -21.04 -11.96 -19.74
N LEU A 391 -22.16 -12.63 -19.98
CA LEU A 391 -22.39 -13.96 -19.42
C LEU A 391 -21.32 -14.93 -19.93
N GLU A 392 -20.77 -14.65 -21.11
CA GLU A 392 -19.79 -15.54 -21.71
C GLU A 392 -18.42 -15.33 -21.09
N MET A 393 -18.13 -14.10 -20.71
CA MET A 393 -16.86 -13.85 -20.06
C MET A 393 -16.99 -14.36 -18.65
N GLY A 394 -18.14 -14.12 -18.05
CA GLY A 394 -18.43 -14.65 -16.73
C GLY A 394 -18.17 -16.15 -16.65
N ALA A 395 -18.48 -16.85 -17.75
CA ALA A 395 -18.34 -18.30 -17.81
C ALA A 395 -16.87 -18.74 -17.78
N LYS A 396 -16.00 -17.98 -18.42
CA LYS A 396 -14.57 -18.29 -18.39
C LYS A 396 -13.98 -18.13 -17.00
N ILE A 397 -14.50 -17.15 -16.25
CA ILE A 397 -14.11 -16.94 -14.87
C ILE A 397 -14.60 -18.12 -14.02
N LYS A 398 -15.84 -18.55 -14.26
CA LYS A 398 -16.44 -19.61 -13.48
C LYS A 398 -15.72 -20.96 -13.68
N LYS A 399 -15.38 -21.28 -14.93
CA LYS A 399 -14.63 -22.49 -15.24
C LYS A 399 -13.27 -22.49 -14.54
N ALA A 400 -12.72 -21.30 -14.30
CA ALA A 400 -11.38 -21.21 -13.74
C ALA A 400 -11.35 -21.40 -12.21
N HIS A 401 -12.43 -21.07 -11.52
CA HIS A 401 -12.42 -21.09 -10.06
C HIS A 401 -13.45 -21.96 -9.37
N VAL A 402 -14.58 -22.23 -10.04
CA VAL A 402 -15.61 -23.04 -9.39
C VAL A 402 -15.30 -24.52 -9.66
N THR A 403 -15.17 -25.28 -8.57
CA THR A 403 -14.62 -26.64 -8.63
C THR A 403 -15.71 -27.70 -8.69
N GLY A 404 -16.86 -27.39 -8.12
CA GLY A 404 -17.92 -28.37 -8.05
C GLY A 404 -19.18 -27.92 -8.75
N GLU A 405 -20.23 -28.70 -8.59
CA GLU A 405 -21.57 -28.33 -9.04
C GLU A 405 -21.91 -26.91 -8.54
N THR A 406 -21.80 -26.74 -7.22
CA THR A 406 -22.12 -25.48 -6.57
C THR A 406 -20.84 -24.79 -6.07
N PRO A 407 -20.77 -23.45 -6.24
CA PRO A 407 -19.67 -22.62 -5.75
C PRO A 407 -19.48 -22.65 -4.23
N THR A 408 -18.23 -22.61 -3.80
CA THR A 408 -17.88 -22.60 -2.38
C THR A 408 -17.24 -21.27 -1.96
N ALA A 409 -17.09 -21.09 -0.65
CA ALA A 409 -16.44 -19.91 -0.09
C ALA A 409 -14.98 -19.83 -0.51
N ASP A 410 -14.34 -20.98 -0.66
CA ASP A 410 -12.94 -21.02 -1.08
C ASP A 410 -12.81 -20.70 -2.57
N ASN A 411 -13.78 -21.14 -3.38
CA ASN A 411 -13.83 -20.76 -4.78
C ASN A 411 -13.84 -19.25 -4.87
N PHE A 412 -14.67 -18.64 -4.02
CA PHE A 412 -14.80 -17.19 -3.96
C PHE A 412 -13.50 -16.47 -3.59
N MET A 413 -12.83 -16.94 -2.54
CA MET A 413 -11.64 -16.25 -2.08
C MET A 413 -10.51 -16.49 -3.07
N ASP A 414 -10.49 -17.68 -3.67
CA ASP A 414 -9.60 -17.94 -4.79
C ASP A 414 -9.81 -16.97 -5.96
N LEU A 415 -11.06 -16.67 -6.31
CA LEU A 415 -11.34 -15.77 -7.42
C LEU A 415 -10.82 -14.40 -7.05
N CYS A 416 -11.07 -13.98 -5.82
CA CYS A 416 -10.61 -12.68 -5.33
C CYS A 416 -9.09 -12.58 -5.41
N SER A 417 -8.38 -13.69 -5.29
CA SER A 417 -6.92 -13.62 -5.40
C SER A 417 -6.58 -13.11 -6.77
N HIS A 418 -7.36 -13.55 -7.75
CA HIS A 418 -7.06 -13.22 -9.14
C HIS A 418 -7.70 -11.90 -9.54
N PHE A 419 -8.96 -11.70 -9.18
CA PHE A 419 -9.64 -10.45 -9.50
C PHE A 419 -8.88 -9.24 -8.97
N TYR A 420 -8.48 -9.29 -7.70
CA TYR A 420 -7.86 -8.13 -7.08
C TYR A 420 -6.33 -8.04 -7.24
N PHE A 421 -5.63 -9.16 -7.43
CA PHE A 421 -4.15 -9.15 -7.40
C PHE A 421 -3.42 -9.83 -8.59
N TRP A 422 -3.64 -11.12 -8.83
CA TRP A 422 -2.83 -11.82 -9.86
C TRP A 422 -3.08 -11.34 -11.30
N PHE A 423 -4.35 -11.17 -11.67
CA PHE A 423 -4.65 -10.75 -13.03
C PHE A 423 -4.13 -9.34 -13.30
N PRO A 424 -4.39 -8.38 -12.40
CA PRO A 424 -3.72 -7.08 -12.61
C PRO A 424 -2.19 -7.17 -12.70
N MET A 425 -1.55 -8.08 -11.95
CA MET A 425 -0.09 -8.25 -12.06
C MET A 425 0.28 -8.75 -13.45
N HIS A 426 -0.49 -9.70 -13.97
CA HIS A 426 -0.22 -10.25 -15.29
C HIS A 426 -0.35 -9.18 -16.37
N ARG A 427 -1.42 -8.39 -16.31
CA ARG A 427 -1.62 -7.30 -17.27
C ARG A 427 -0.49 -6.28 -17.21
N LEU A 428 -0.03 -5.95 -16.00
CA LEU A 428 1.03 -4.95 -15.91
C LEU A 428 2.32 -5.51 -16.52
N LEU A 429 2.70 -6.74 -16.19
CA LEU A 429 3.94 -7.30 -16.73
C LEU A 429 3.99 -7.25 -18.26
N GLN A 430 2.95 -7.78 -18.89
CA GLN A 430 2.85 -7.79 -20.35
C GLN A 430 2.89 -6.38 -20.98
N LEU A 431 2.15 -5.44 -20.39
CA LEU A 431 2.10 -4.09 -20.89
C LEU A 431 3.46 -3.42 -20.75
N ARG A 432 4.11 -3.70 -19.64
CA ARG A 432 5.41 -3.13 -19.33
C ARG A 432 6.47 -3.61 -20.31
N PHE A 433 6.44 -4.91 -20.63
CA PHE A 433 7.35 -5.48 -21.60
C PHE A 433 7.37 -4.73 -22.94
N ASN A 434 6.20 -4.27 -23.38
CA ASN A 434 6.09 -3.54 -24.64
C ASN A 434 6.71 -2.14 -24.63
N HIS A 435 7.14 -1.65 -23.46
CA HIS A 435 7.62 -0.27 -23.34
C HIS A 435 8.79 -0.10 -22.37
N THR A 436 9.74 -1.03 -22.38
CA THR A 436 10.83 -0.94 -21.41
C THR A 436 12.22 -1.10 -22.00
N SER A 437 13.18 -0.52 -21.29
CA SER A 437 14.59 -0.60 -21.64
C SER A 437 15.12 -2.01 -21.45
N GLY A 438 14.45 -2.79 -20.62
CA GLY A 438 14.88 -4.15 -20.35
C GLY A 438 15.53 -4.34 -18.99
N THR A 439 15.29 -3.42 -18.06
CA THR A 439 15.69 -3.66 -16.68
C THR A 439 14.91 -4.84 -16.16
N PRO A 440 15.52 -5.62 -15.25
CA PRO A 440 14.86 -6.81 -14.68
C PRO A 440 13.63 -6.54 -13.82
N VAL A 441 12.67 -7.45 -13.90
CA VAL A 441 11.66 -7.59 -12.85
C VAL A 441 11.69 -9.02 -12.26
N TYR A 442 11.78 -9.08 -10.94
CA TYR A 442 11.82 -10.34 -10.21
C TYR A 442 10.48 -10.61 -9.53
N LEU A 443 10.05 -11.87 -9.53
CA LEU A 443 8.80 -12.25 -8.88
C LEU A 443 9.04 -13.09 -7.65
N TYR A 444 8.31 -12.79 -6.58
CA TYR A 444 8.31 -13.66 -5.42
C TYR A 444 6.89 -14.08 -5.13
N ARG A 445 6.75 -15.16 -4.39
CA ARG A 445 5.45 -15.58 -3.89
C ARG A 445 5.64 -15.92 -2.41
N PHE A 446 4.95 -15.22 -1.52
CA PHE A 446 5.20 -15.42 -0.10
C PHE A 446 4.24 -16.50 0.40
N ASP A 447 4.83 -17.60 0.86
CA ASP A 447 4.08 -18.82 1.13
C ASP A 447 4.32 -19.34 2.55
N PHE A 448 4.74 -18.45 3.45
CA PHE A 448 5.06 -18.85 4.81
C PHE A 448 3.90 -18.62 5.79
N ASP A 449 3.40 -19.71 6.40
CA ASP A 449 2.24 -19.63 7.29
C ASP A 449 2.57 -19.85 8.77
N SER A 450 2.32 -18.84 9.59
CA SER A 450 2.53 -18.93 11.02
C SER A 450 1.44 -18.22 11.82
N GLU A 451 1.09 -18.78 12.97
CA GLU A 451 0.13 -18.15 13.84
C GLU A 451 0.81 -17.75 15.14
N ASP A 452 2.10 -18.07 15.26
CA ASP A 452 2.85 -17.74 16.49
C ASP A 452 3.23 -16.28 16.53
N LEU A 453 3.47 -15.72 15.35
CA LEU A 453 3.72 -14.29 15.20
C LEU A 453 2.68 -13.69 14.25
N ILE A 454 1.97 -12.65 14.69
CA ILE A 454 0.95 -12.02 13.85
C ILE A 454 1.01 -10.48 13.84
N ASN A 455 0.15 -9.88 13.01
CA ASN A 455 0.02 -8.43 12.91
C ASN A 455 -1.48 -8.02 13.02
N PRO A 456 -1.77 -6.74 13.29
CA PRO A 456 -3.18 -6.34 13.56
C PRO A 456 -4.20 -6.59 12.43
N TYR A 457 -3.77 -6.70 11.18
CA TYR A 457 -4.72 -6.99 10.11
C TYR A 457 -5.42 -8.33 10.31
N ARG A 458 -4.81 -9.22 11.07
CA ARG A 458 -5.45 -10.51 11.31
C ARG A 458 -6.71 -10.30 12.16
N ILE A 459 -6.74 -9.26 12.98
CA ILE A 459 -7.91 -8.92 13.79
C ILE A 459 -9.04 -8.42 12.91
N MET A 460 -8.68 -7.61 11.91
CA MET A 460 -9.64 -7.06 10.95
C MET A 460 -10.30 -8.15 10.09
N ARG A 461 -9.49 -9.00 9.46
CA ARG A 461 -10.01 -10.05 8.57
C ARG A 461 -10.53 -11.28 9.32
N SER A 462 -10.73 -11.13 10.63
CA SER A 462 -11.18 -12.23 11.49
C SER A 462 -10.31 -13.48 11.30
N GLY A 463 -9.00 -13.28 11.16
CA GLY A 463 -8.09 -14.33 10.73
C GLY A 463 -7.59 -15.27 11.82
N ARG A 464 -8.23 -15.18 12.99
CA ARG A 464 -7.89 -16.04 14.12
C ARG A 464 -8.11 -17.53 13.82
N GLY A 465 -7.06 -18.33 13.99
CA GLY A 465 -7.19 -19.77 13.80
C GLY A 465 -7.54 -20.18 12.39
N VAL A 466 -7.03 -19.43 11.41
CA VAL A 466 -7.32 -19.69 10.01
C VAL A 466 -6.00 -19.99 9.27
N LYS A 467 -5.96 -21.11 8.57
CA LYS A 467 -4.74 -21.54 7.89
C LYS A 467 -4.64 -20.97 6.47
N GLY A 468 -3.40 -20.79 6.01
CA GLY A 468 -3.18 -20.26 4.67
C GLY A 468 -2.65 -18.85 4.78
N VAL A 469 -2.01 -18.37 3.73
CA VAL A 469 -1.27 -17.12 3.82
C VAL A 469 -1.99 -15.96 3.14
N SER A 470 -2.76 -15.23 3.94
CA SER A 470 -3.57 -14.14 3.43
C SER A 470 -2.78 -12.89 3.07
N HIS A 471 -3.40 -12.06 2.24
CA HIS A 471 -2.97 -10.68 2.01
C HIS A 471 -2.63 -10.02 3.36
N THR A 472 -1.48 -9.35 3.42
CA THR A 472 -0.92 -8.66 4.62
C THR A 472 -0.21 -9.55 5.65
N ASP A 473 -0.38 -10.88 5.56
CA ASP A 473 0.38 -11.80 6.42
C ASP A 473 1.92 -11.64 6.38
N GLU A 474 2.45 -11.03 5.33
CA GLU A 474 3.90 -10.94 5.16
C GLU A 474 4.51 -9.73 5.87
N LEU A 475 3.67 -8.77 6.25
CA LEU A 475 4.13 -7.56 6.94
C LEU A 475 4.74 -7.91 8.28
N THR A 476 4.26 -9.02 8.82
CA THR A 476 4.68 -9.47 10.13
C THR A 476 6.20 -9.69 10.18
N TYR A 477 6.78 -10.00 9.02
CA TYR A 477 8.20 -10.38 8.94
C TYR A 477 9.06 -9.22 8.45
N PHE A 478 8.44 -8.06 8.24
CA PHE A 478 9.20 -6.87 7.87
C PHE A 478 9.23 -5.84 8.99
N PHE A 479 8.12 -5.72 9.71
CA PHE A 479 7.97 -4.67 10.71
C PHE A 479 7.55 -5.21 12.06
N TRP A 480 8.02 -4.54 13.12
CA TRP A 480 7.54 -4.78 14.45
C TRP A 480 6.14 -4.18 14.59
N ASN A 481 5.29 -4.82 15.39
CA ASN A 481 3.97 -4.30 15.70
C ASN A 481 3.64 -4.60 17.16
N GLN A 482 2.62 -3.95 17.73
CA GLN A 482 2.39 -4.07 19.17
C GLN A 482 1.82 -5.43 19.58
N LEU A 483 1.54 -6.30 18.61
CA LEU A 483 1.10 -7.67 18.90
C LEU A 483 2.27 -8.64 18.82
N ALA A 484 3.41 -8.17 18.35
CA ALA A 484 4.58 -9.02 18.23
C ALA A 484 5.23 -9.34 19.58
N LYS A 485 6.16 -10.30 19.56
CA LYS A 485 6.98 -10.60 20.73
C LYS A 485 8.37 -11.04 20.25
N ARG A 486 9.30 -11.17 21.19
CA ARG A 486 10.63 -11.65 20.86
C ARG A 486 10.57 -13.14 20.51
N MET A 487 11.11 -13.51 19.35
CA MET A 487 11.16 -14.91 18.93
C MET A 487 12.56 -15.50 19.12
N PRO A 488 12.65 -16.78 19.55
CA PRO A 488 13.95 -17.43 19.61
C PRO A 488 14.65 -17.37 18.25
N LYS A 489 15.98 -17.28 18.24
CA LYS A 489 16.69 -17.13 16.97
C LYS A 489 16.68 -18.39 16.08
N GLU A 490 16.27 -19.52 16.65
CA GLU A 490 16.25 -20.77 15.89
C GLU A 490 14.87 -21.04 15.31
N SER A 491 13.90 -20.22 15.70
CA SER A 491 12.52 -20.36 15.28
C SER A 491 12.35 -20.06 13.80
N ARG A 492 11.40 -20.76 13.19
CA ARG A 492 11.11 -20.59 11.77
C ARG A 492 10.61 -19.18 11.48
N GLU A 493 10.04 -18.52 12.49
CA GLU A 493 9.54 -17.15 12.35
C GLU A 493 10.70 -16.19 12.23
N TYR A 494 11.63 -16.27 13.18
CA TYR A 494 12.84 -15.45 13.18
C TYR A 494 13.67 -15.60 11.91
N LYS A 495 13.84 -16.84 11.48
CA LYS A 495 14.55 -17.11 10.24
C LYS A 495 13.91 -16.38 9.07
N THR A 496 12.58 -16.35 9.04
CA THR A 496 11.88 -15.71 7.91
C THR A 496 12.09 -14.22 7.98
N ILE A 497 12.07 -13.66 9.19
CA ILE A 497 12.40 -12.24 9.37
C ILE A 497 13.74 -11.91 8.74
N GLU A 498 14.74 -12.77 9.04
CA GLU A 498 16.08 -12.63 8.50
C GLU A 498 16.09 -12.73 6.98
N ARG A 499 15.41 -13.73 6.45
CA ARG A 499 15.37 -13.93 5.02
C ARG A 499 14.66 -12.78 4.33
N MET A 500 13.51 -12.39 4.87
CA MET A 500 12.71 -11.33 4.26
C MET A 500 13.43 -9.98 4.29
N THR A 501 13.91 -9.58 5.46
CA THR A 501 14.57 -8.29 5.56
C THR A 501 15.90 -8.32 4.82
N GLY A 502 16.51 -9.51 4.74
CA GLY A 502 17.74 -9.70 4.01
C GLY A 502 17.62 -9.57 2.49
N ILE A 503 16.65 -10.27 1.92
CA ILE A 503 16.36 -10.15 0.48
C ILE A 503 16.02 -8.71 0.08
N TRP A 504 15.19 -8.06 0.87
CA TRP A 504 14.78 -6.70 0.55
C TRP A 504 15.95 -5.73 0.61
N THR A 505 16.79 -5.87 1.63
CA THR A 505 17.98 -5.03 1.71
C THR A 505 18.96 -5.41 0.59
N GLN A 506 18.97 -6.67 0.18
CA GLN A 506 19.88 -7.07 -0.89
C GLN A 506 19.45 -6.42 -2.20
N PHE A 507 18.16 -6.54 -2.52
CA PHE A 507 17.60 -5.88 -3.68
C PHE A 507 17.75 -4.36 -3.65
N ALA A 508 17.52 -3.76 -2.50
CA ALA A 508 17.70 -2.32 -2.33
C ALA A 508 19.13 -1.86 -2.65
N THR A 509 20.12 -2.66 -2.28
CA THR A 509 21.52 -2.25 -2.51
C THR A 509 21.98 -2.42 -3.96
N THR A 510 21.65 -3.55 -4.58
CA THR A 510 22.25 -3.90 -5.85
C THR A 510 21.28 -3.87 -7.01
N GLY A 511 19.99 -3.94 -6.73
CA GLY A 511 18.98 -4.08 -7.77
C GLY A 511 18.83 -5.53 -8.17
N ASN A 512 19.46 -6.40 -7.40
CA ASN A 512 19.40 -7.84 -7.60
C ASN A 512 19.13 -8.47 -6.24
N PRO A 513 18.04 -9.26 -6.15
CA PRO A 513 17.55 -9.76 -4.86
C PRO A 513 18.23 -11.02 -4.35
N TYR A 514 19.12 -11.60 -5.15
CA TYR A 514 19.77 -12.85 -4.74
C TYR A 514 21.03 -12.61 -3.94
N SER A 515 21.18 -13.41 -2.89
CA SER A 515 22.41 -13.51 -2.13
C SER A 515 22.59 -14.90 -1.50
N ASN A 516 23.81 -15.42 -1.55
CA ASN A 516 24.13 -16.70 -0.94
C ASN A 516 24.59 -16.52 0.50
N GLU A 517 24.38 -15.31 1.02
CA GLU A 517 24.64 -15.01 2.42
C GLU A 517 23.33 -15.07 3.19
N ILE A 518 22.27 -15.36 2.45
CA ILE A 518 20.96 -15.63 3.03
C ILE A 518 20.76 -17.12 3.18
N GLU A 519 20.45 -17.54 4.41
CA GLU A 519 20.22 -18.95 4.72
C GLU A 519 19.06 -19.53 3.90
N GLY A 520 19.36 -20.53 3.09
CA GLY A 520 18.33 -21.21 2.32
C GLY A 520 18.38 -20.91 0.83
N MET A 521 19.25 -19.98 0.45
CA MET A 521 19.30 -19.57 -0.94
C MET A 521 20.45 -20.20 -1.70
N GLU A 522 20.96 -21.33 -1.17
CA GLU A 522 22.12 -22.01 -1.75
C GLU A 522 21.84 -22.51 -3.17
N ASN A 523 20.77 -23.28 -3.35
CA ASN A 523 20.45 -23.80 -4.68
C ASN A 523 19.42 -22.96 -5.40
N VAL A 524 19.32 -21.69 -5.03
CA VAL A 524 18.41 -20.78 -5.69
C VAL A 524 19.08 -20.10 -6.87
N SER A 525 18.46 -20.22 -8.04
CA SER A 525 18.88 -19.46 -9.22
C SER A 525 17.74 -18.55 -9.68
N TRP A 526 17.71 -17.32 -9.17
CA TRP A 526 16.56 -16.43 -9.33
C TRP A 526 16.68 -15.52 -10.56
N ASP A 527 16.06 -15.93 -11.66
CA ASP A 527 16.13 -15.18 -12.91
C ASP A 527 14.98 -14.20 -13.00
N PRO A 528 15.22 -13.05 -13.64
CA PRO A 528 14.16 -12.11 -14.00
C PRO A 528 13.24 -12.68 -15.08
N ILE A 529 12.01 -12.17 -15.16
CA ILE A 529 11.08 -12.61 -16.19
C ILE A 529 11.45 -11.98 -17.54
N GLU A 530 11.33 -12.78 -18.62
CA GLU A 530 11.51 -12.27 -19.99
C GLU A 530 10.19 -12.15 -20.75
N LYS A 531 10.08 -11.22 -21.70
CA LYS A 531 8.83 -11.08 -22.44
C LYS A 531 8.53 -12.37 -23.21
N SER A 532 9.58 -13.12 -23.54
CA SER A 532 9.44 -14.39 -24.26
C SER A 532 8.84 -15.51 -23.40
N ASP A 533 8.82 -15.33 -22.10
CA ASP A 533 8.35 -16.35 -21.17
C ASP A 533 6.84 -16.57 -21.28
N GLU A 534 6.42 -17.81 -21.53
CA GLU A 534 4.99 -18.13 -21.53
C GLU A 534 4.51 -18.37 -20.11
N VAL A 535 5.45 -18.77 -19.25
CA VAL A 535 5.14 -19.11 -17.88
C VAL A 535 6.08 -18.30 -16.95
N TYR A 536 5.48 -17.58 -16.00
CA TYR A 536 6.24 -16.81 -15.01
C TYR A 536 6.94 -17.69 -14.00
N LYS A 537 8.20 -17.38 -13.71
CA LYS A 537 8.94 -18.07 -12.64
C LYS A 537 9.13 -17.15 -11.44
N CYS A 538 8.95 -17.69 -10.25
CA CYS A 538 8.98 -16.90 -9.03
C CYS A 538 9.75 -17.64 -7.94
N LEU A 539 10.33 -16.89 -7.01
CA LEU A 539 10.87 -17.53 -5.82
C LEU A 539 9.74 -17.72 -4.83
N ASN A 540 9.50 -18.95 -4.46
CA ASN A 540 8.44 -19.24 -3.53
C ASN A 540 9.02 -19.33 -2.14
N ILE A 541 8.59 -18.40 -1.29
CA ILE A 541 9.14 -18.27 0.04
C ILE A 541 8.29 -19.01 1.06
N SER A 542 8.72 -20.21 1.43
CA SER A 542 8.04 -20.94 2.49
C SER A 542 9.07 -21.27 3.58
N ASP A 543 8.99 -22.46 4.14
CA ASP A 543 10.00 -22.84 5.11
C ASP A 543 11.30 -23.00 4.36
N GLU A 544 11.19 -23.47 3.13
CA GLU A 544 12.32 -23.53 2.21
C GLU A 544 12.10 -22.55 1.07
N LEU A 545 13.19 -22.07 0.49
CA LEU A 545 13.14 -21.15 -0.63
C LEU A 545 13.32 -21.91 -1.94
N LYS A 546 12.30 -21.89 -2.79
CA LYS A 546 12.33 -22.70 -4.00
C LYS A 546 11.86 -21.92 -5.23
N MET A 547 12.66 -21.93 -6.30
CA MET A 547 12.19 -21.39 -7.58
C MET A 547 11.16 -22.35 -8.16
N ILE A 548 9.98 -21.82 -8.47
CA ILE A 548 8.93 -22.60 -9.13
C ILE A 548 8.27 -21.80 -10.24
N ASP A 549 7.53 -22.50 -11.09
CA ASP A 549 6.59 -21.87 -12.00
C ASP A 549 5.43 -21.35 -11.17
N VAL A 550 5.02 -20.13 -11.45
CA VAL A 550 3.86 -19.53 -10.77
C VAL A 550 2.65 -20.47 -10.90
N PRO A 551 2.16 -20.96 -9.76
CA PRO A 551 1.05 -21.93 -9.73
C PRO A 551 -0.28 -21.37 -10.24
N GLU A 552 -0.46 -20.07 -10.08
CA GLU A 552 -1.69 -19.41 -10.48
C GLU A 552 -1.76 -19.18 -12.01
N MET A 553 -0.73 -19.60 -12.76
CA MET A 553 -0.57 -19.25 -14.19
C MET A 553 -1.74 -19.67 -15.09
N GLY A 554 -2.23 -20.90 -14.95
CA GLY A 554 -3.31 -21.39 -15.80
C GLY A 554 -4.59 -20.57 -15.65
N LYS A 555 -4.90 -20.19 -14.41
CA LYS A 555 -6.04 -19.33 -14.16
C LYS A 555 -5.80 -17.93 -14.74
N ILE A 556 -4.57 -17.44 -14.56
CA ILE A 556 -4.20 -16.15 -15.12
C ILE A 556 -4.52 -16.09 -16.62
N LYS A 557 -4.18 -17.14 -17.34
CA LYS A 557 -4.38 -17.18 -18.78
C LYS A 557 -5.87 -17.24 -19.17
N GLN A 558 -6.65 -18.00 -18.39
CA GLN A 558 -8.08 -18.03 -18.50
C GLN A 558 -8.67 -16.62 -18.43
N TRP A 559 -8.25 -15.83 -17.44
CA TRP A 559 -8.67 -14.42 -17.33
C TRP A 559 -8.26 -13.64 -18.56
N GLU A 560 -7.05 -13.87 -19.05
CA GLU A 560 -6.59 -13.21 -20.25
C GLU A 560 -7.50 -13.51 -21.47
N SER A 561 -8.05 -14.73 -21.54
CA SER A 561 -8.85 -15.14 -22.69
C SER A 561 -10.14 -14.31 -22.82
N MET A 562 -10.55 -13.65 -21.76
CA MET A 562 -11.76 -12.81 -21.79
C MET A 562 -11.57 -11.64 -22.73
N PHE A 563 -10.30 -11.35 -23.00
CA PHE A 563 -9.92 -10.26 -23.86
C PHE A 563 -9.62 -10.71 -25.31
N GLU A 564 -10.00 -11.94 -25.65
CA GLU A 564 -9.79 -12.51 -26.99
C GLU A 564 -10.24 -11.59 -28.12
N LYS A 565 -11.44 -11.05 -27.99
CA LYS A 565 -12.00 -10.20 -29.01
C LYS A 565 -11.78 -8.73 -28.66
N HIS A 566 -10.94 -8.46 -27.66
CA HIS A 566 -10.66 -7.10 -27.21
C HIS A 566 -9.22 -6.91 -26.77
N ARG A 567 -8.31 -7.42 -27.60
CA ARG A 567 -6.87 -7.37 -27.30
C ARG A 567 -6.33 -5.95 -27.08
N ASP A 568 -7.00 -4.94 -27.62
CA ASP A 568 -6.56 -3.57 -27.39
C ASP A 568 -6.82 -3.12 -25.95
N LEU A 569 -7.80 -3.72 -25.29
CA LEU A 569 -8.16 -3.34 -23.91
C LEU A 569 -7.28 -4.06 -22.89
N PHE A 570 -6.49 -5.01 -23.35
CA PHE A 570 -5.58 -5.73 -22.47
C PHE A 570 -4.35 -4.89 -22.11
O4 DPF B . -4.37 -1.51 0.94
P1 DPF B . -4.96 -2.89 1.08
O3 DPF B . -6.37 -2.89 0.17
C1 DPF B . -6.28 -2.99 -1.21
C4 DPF B . -7.63 -3.45 -1.75
O1 DPF B . -5.58 -2.87 2.61
C2 DPF B . -4.86 -3.53 3.59
C3 DPF B . -5.54 -4.85 3.87
#